data_1SVW
#
_entry.id   1SVW
#
_cell.length_a   43.586
_cell.length_b   70.599
_cell.length_c   72.583
_cell.angle_alpha   90.00
_cell.angle_beta   102.26
_cell.angle_gamma   90.00
#
_symmetry.space_group_name_H-M   'P 1 21 1'
#
loop_
_entity.id
_entity.type
_entity.pdbx_description
1 polymer 'GTP-binding protein YsxC'
2 non-polymer 'MAGNESIUM ION'
3 non-polymer "GUANOSINE-5'-TRIPHOSPHATE"
#
_entity_poly.entity_id   1
_entity_poly.type   'polypeptide(L)'
_entity_poly.pdbx_seq_one_letter_code
;MKVTKSEIVISAVKPEQYPEGGLPEIALAGRSNVGKSSFINSLINRKNLARTSSKPGKTQTLNFYIINDELHFVDVPGYG
FAKVSKSEREAWGRMIETYITTREELKAVVQIVDLRHAPSNDDVQMYEFLKYYGIPVIVIATKADKIPKGKWDKHAKVVR
QTLNIDPEDELILFSSETKKGKDEAWGAIKKMINR
;
_entity_poly.pdbx_strand_id   A,B
#
loop_
_chem_comp.id
_chem_comp.type
_chem_comp.name
_chem_comp.formula
GTP non-polymer GUANOSINE-5'-TRIPHOSPHATE 'C10 H16 N5 O14 P3'
MG non-polymer 'MAGNESIUM ION' 'Mg 2'
#
# COMPACT_ATOMS: atom_id res chain seq x y z
N MET A 1 -4.24 -9.38 -5.52
CA MET A 1 -3.20 -8.57 -6.18
C MET A 1 -2.62 -9.27 -7.40
N LYS A 2 -2.70 -8.58 -8.53
CA LYS A 2 -2.15 -9.07 -9.78
C LYS A 2 -0.63 -9.06 -9.49
N VAL A 3 -0.15 -10.19 -8.98
CA VAL A 3 1.25 -10.31 -8.61
C VAL A 3 2.07 -10.92 -9.73
N SER A 6 8.98 -10.74 -6.79
CA SER A 6 9.30 -12.15 -6.99
C SER A 6 10.81 -12.36 -7.08
N GLU A 7 11.56 -11.66 -6.25
CA GLU A 7 13.03 -11.76 -6.22
C GLU A 7 13.64 -11.62 -4.82
N ILE A 8 14.68 -12.42 -4.56
CA ILE A 8 15.35 -12.37 -3.28
C ILE A 8 16.17 -11.08 -3.23
N VAL A 9 16.56 -10.68 -2.03
CA VAL A 9 17.37 -9.48 -1.87
C VAL A 9 18.48 -9.74 -0.86
N ILE A 10 18.12 -10.28 0.30
CA ILE A 10 19.11 -10.58 1.34
C ILE A 10 18.68 -11.53 2.45
N SER A 11 19.68 -11.95 3.23
CA SER A 11 19.49 -12.87 4.33
C SER A 11 19.99 -12.27 5.66
N ALA A 12 19.32 -11.20 6.08
CA ALA A 12 19.64 -10.49 7.31
C ALA A 12 19.47 -11.29 8.60
N VAL A 13 20.49 -11.23 9.46
CA VAL A 13 20.53 -11.90 10.76
C VAL A 13 20.46 -10.81 11.84
N LYS A 14 20.61 -9.56 11.39
CA LYS A 14 20.57 -8.36 12.24
C LYS A 14 20.30 -7.14 11.34
N PRO A 15 19.84 -6.03 11.92
CA PRO A 15 19.52 -4.80 11.18
C PRO A 15 20.63 -4.24 10.28
N GLU A 16 21.88 -4.52 10.65
CA GLU A 16 23.01 -4.05 9.87
C GLU A 16 23.05 -4.84 8.58
N GLN A 17 21.89 -5.34 8.15
CA GLN A 17 21.80 -6.12 6.93
C GLN A 17 20.45 -5.97 6.23
N TYR A 18 19.42 -5.62 6.99
CA TYR A 18 18.08 -5.44 6.42
C TYR A 18 18.17 -4.60 5.17
N PRO A 19 17.42 -4.97 4.13
CA PRO A 19 17.45 -4.20 2.88
C PRO A 19 17.20 -2.72 3.05
N GLU A 20 17.52 -1.98 2.00
CA GLU A 20 17.33 -0.54 1.99
C GLU A 20 16.03 -0.22 1.24
N GLY A 21 15.79 1.06 1.05
CA GLY A 21 14.60 1.49 0.35
C GLY A 21 13.46 1.97 1.22
N GLY A 22 13.35 1.50 2.47
CA GLY A 22 12.25 1.92 3.35
C GLY A 22 10.85 1.55 2.85
N LEU A 23 10.82 0.43 2.11
CA LEU A 23 9.63 -0.19 1.50
C LEU A 23 8.83 -0.97 2.55
N PRO A 24 7.53 -1.22 2.28
CA PRO A 24 6.66 -1.96 3.22
C PRO A 24 6.93 -3.47 3.25
N GLU A 25 6.76 -4.07 4.42
CA GLU A 25 6.99 -5.49 4.55
C GLU A 25 6.01 -6.22 5.46
N ILE A 26 5.69 -7.45 5.06
CA ILE A 26 4.82 -8.35 5.83
C ILE A 26 5.74 -9.55 6.11
N ALA A 27 6.00 -9.84 7.38
CA ALA A 27 6.89 -10.95 7.73
C ALA A 27 6.09 -12.10 8.38
N LEU A 28 6.63 -13.30 8.30
CA LEU A 28 5.94 -14.47 8.82
C LEU A 28 6.52 -15.07 10.06
N ALA A 29 5.64 -15.65 10.88
CA ALA A 29 6.00 -16.37 12.09
C ALA A 29 5.21 -17.68 12.04
N GLY A 30 5.88 -18.77 12.41
CA GLY A 30 5.24 -20.06 12.38
C GLY A 30 6.04 -21.19 12.99
N ARG A 31 5.34 -22.24 13.41
CA ARG A 31 6.03 -23.39 13.96
C ARG A 31 6.95 -23.74 12.82
N SER A 32 7.90 -24.62 13.06
CA SER A 32 8.83 -25.00 11.99
C SER A 32 8.17 -26.13 11.16
N ASN A 33 8.26 -26.00 9.83
CA ASN A 33 7.70 -26.98 8.89
C ASN A 33 6.24 -26.68 8.47
N VAL A 34 5.60 -25.79 9.20
CA VAL A 34 4.23 -25.36 8.96
C VAL A 34 3.89 -24.97 7.52
N GLY A 35 4.92 -24.55 6.78
CA GLY A 35 4.75 -24.12 5.40
C GLY A 35 4.77 -22.61 5.23
N LYS A 36 5.57 -21.91 6.05
CA LYS A 36 5.69 -20.44 5.93
C LYS A 36 6.40 -20.15 4.62
N SER A 37 7.49 -20.87 4.40
CA SER A 37 8.25 -20.68 3.17
C SER A 37 7.24 -20.94 2.01
N SER A 38 6.35 -21.90 2.20
CA SER A 38 5.34 -22.24 1.18
C SER A 38 4.33 -21.13 0.93
N PHE A 39 3.70 -20.66 2.01
CA PHE A 39 2.70 -19.57 1.90
C PHE A 39 3.26 -18.50 0.95
N ILE A 40 4.37 -17.92 1.39
CA ILE A 40 5.04 -16.86 0.66
C ILE A 40 4.98 -17.13 -0.83
N ASN A 41 5.43 -18.32 -1.21
CA ASN A 41 5.47 -18.75 -2.63
C ASN A 41 4.11 -18.80 -3.27
N SER A 42 3.11 -19.22 -2.50
CA SER A 42 1.73 -19.35 -2.95
C SER A 42 1.10 -18.03 -3.38
N LEU A 43 1.43 -16.95 -2.68
CA LEU A 43 0.89 -15.62 -2.97
C LEU A 43 1.49 -14.91 -4.19
N ILE A 44 2.80 -15.01 -4.36
CA ILE A 44 3.49 -14.36 -5.47
C ILE A 44 3.67 -15.28 -6.66
N ASN A 45 3.09 -16.46 -6.56
CA ASN A 45 3.12 -17.46 -7.62
C ASN A 45 4.49 -18.01 -7.98
N ARG A 46 5.19 -18.59 -7.03
CA ARG A 46 6.51 -19.15 -7.31
C ARG A 46 6.53 -20.56 -6.74
N LYS A 47 7.36 -21.44 -7.30
CA LYS A 47 7.43 -22.81 -6.77
C LYS A 47 8.34 -22.86 -5.53
N ASN A 48 9.61 -22.52 -5.72
CA ASN A 48 10.58 -22.52 -4.63
C ASN A 48 11.44 -21.29 -4.55
N LEU A 49 10.87 -20.12 -4.82
CA LEU A 49 11.65 -18.90 -4.72
C LEU A 49 12.21 -18.98 -3.31
N ALA A 50 11.29 -19.00 -2.34
CA ALA A 50 11.66 -19.17 -0.95
C ALA A 50 11.74 -20.71 -0.90
N ARG A 51 12.94 -21.25 -0.68
CA ARG A 51 13.08 -22.71 -0.67
C ARG A 51 12.22 -23.44 0.36
N THR A 52 11.59 -24.52 -0.08
CA THR A 52 10.80 -25.35 0.82
C THR A 52 11.62 -26.62 0.99
N SER A 53 11.25 -27.47 1.93
CA SER A 53 12.01 -28.69 2.13
C SER A 53 11.19 -29.84 2.65
N SER A 54 11.51 -31.03 2.15
CA SER A 54 10.85 -32.28 2.51
C SER A 54 10.04 -32.15 3.79
N LYS A 55 10.70 -31.67 4.86
CA LYS A 55 10.12 -31.44 6.19
C LYS A 55 11.14 -31.20 7.31
N PRO A 56 12.10 -30.28 7.12
CA PRO A 56 13.05 -30.08 8.21
C PRO A 56 12.94 -28.67 8.82
N GLY A 57 14.04 -27.94 8.74
CA GLY A 57 14.09 -26.57 9.24
C GLY A 57 14.93 -25.75 8.26
N LYS A 58 14.59 -25.91 6.98
CA LYS A 58 15.31 -25.27 5.88
C LYS A 58 15.48 -23.75 5.89
N THR A 59 14.44 -22.94 6.10
CA THR A 59 14.67 -21.49 6.09
C THR A 59 15.43 -21.14 7.36
N GLN A 60 16.50 -20.36 7.21
CA GLN A 60 17.35 -20.08 8.35
C GLN A 60 17.81 -18.64 8.56
N THR A 61 17.16 -17.72 7.85
CA THR A 61 17.50 -16.30 7.95
C THR A 61 16.31 -15.46 7.48
N LEU A 62 16.33 -14.18 7.84
CA LEU A 62 15.26 -13.29 7.45
C LEU A 62 15.55 -13.10 5.98
N ASN A 63 14.60 -13.51 5.14
CA ASN A 63 14.79 -13.37 3.71
C ASN A 63 13.83 -12.37 3.17
N PHE A 64 14.35 -11.45 2.40
CA PHE A 64 13.51 -10.40 1.87
C PHE A 64 13.32 -10.70 0.42
N TYR A 65 12.05 -10.63 0.02
CA TYR A 65 11.57 -10.93 -1.32
C TYR A 65 10.77 -9.77 -1.85
N ILE A 66 11.38 -8.98 -2.73
CA ILE A 66 10.70 -7.82 -3.24
C ILE A 66 9.70 -8.19 -4.34
N ILE A 67 8.42 -7.94 -4.09
CA ILE A 67 7.40 -8.29 -5.05
C ILE A 67 6.93 -7.07 -5.81
N ASN A 68 7.19 -7.09 -7.12
CA ASN A 68 6.79 -6.00 -7.98
C ASN A 68 7.46 -4.72 -7.50
N ASP A 69 8.60 -4.88 -6.84
CA ASP A 69 9.30 -3.73 -6.29
C ASP A 69 8.40 -2.88 -5.39
N GLU A 70 7.23 -3.39 -5.02
CA GLU A 70 6.35 -2.61 -4.18
C GLU A 70 6.26 -3.10 -2.74
N LEU A 71 6.58 -4.37 -2.48
CA LEU A 71 6.55 -4.84 -1.10
C LEU A 71 7.63 -5.82 -0.76
N HIS A 72 7.70 -6.15 0.52
CA HIS A 72 8.69 -7.08 1.02
C HIS A 72 8.12 -8.19 1.85
N PHE A 73 8.30 -9.42 1.39
CA PHE A 73 7.86 -10.55 2.18
C PHE A 73 9.15 -10.96 2.84
N VAL A 74 9.12 -11.21 4.14
CA VAL A 74 10.32 -11.59 4.86
C VAL A 74 10.16 -12.97 5.42
N ASP A 75 10.93 -13.96 4.96
CA ASP A 75 10.78 -15.30 5.47
C ASP A 75 11.65 -15.51 6.65
N VAL A 76 11.08 -16.19 7.62
CA VAL A 76 11.69 -16.44 8.90
C VAL A 76 11.74 -17.92 9.34
N PRO A 77 12.77 -18.30 10.11
CA PRO A 77 12.95 -19.65 10.64
C PRO A 77 11.78 -19.93 11.59
N GLY A 78 11.47 -21.19 11.83
CA GLY A 78 10.36 -21.49 12.73
C GLY A 78 10.75 -21.14 14.15
N TYR A 79 9.78 -20.94 15.04
CA TYR A 79 10.12 -20.59 16.42
C TYR A 79 11.35 -21.41 16.80
N GLY A 80 12.47 -20.78 17.12
CA GLY A 80 13.62 -21.60 17.43
C GLY A 80 13.82 -22.55 16.26
N PHE A 81 15.00 -22.51 15.70
CA PHE A 81 15.34 -23.34 14.57
C PHE A 81 15.32 -24.82 15.02
N ALA A 82 16.36 -25.17 15.79
CA ALA A 82 16.54 -26.54 16.27
C ALA A 82 15.98 -26.82 17.67
N LYS A 83 14.86 -26.19 18.00
CA LYS A 83 14.20 -26.34 19.31
C LYS A 83 14.97 -27.19 20.33
N SER A 87 18.10 -23.01 24.24
CA SER A 87 19.11 -21.94 24.04
C SER A 87 18.89 -21.29 22.69
N GLU A 88 18.95 -22.11 21.65
CA GLU A 88 18.70 -21.62 20.30
C GLU A 88 17.23 -21.28 20.28
N ARG A 89 16.54 -21.65 21.34
CA ARG A 89 15.16 -21.27 21.39
C ARG A 89 15.33 -19.77 21.44
N GLU A 90 15.73 -19.30 22.62
CA GLU A 90 15.90 -17.87 22.86
C GLU A 90 16.75 -17.10 21.85
N ALA A 91 17.70 -17.77 21.22
CA ALA A 91 18.50 -17.08 20.23
C ALA A 91 17.56 -16.55 19.17
N TRP A 92 16.55 -17.34 18.85
CA TRP A 92 15.54 -17.06 17.82
C TRP A 92 14.70 -15.85 18.15
N GLY A 93 14.35 -15.72 19.43
CA GLY A 93 13.53 -14.62 19.88
C GLY A 93 14.22 -13.29 19.72
N ARG A 94 15.39 -13.14 20.33
CA ARG A 94 16.14 -11.90 20.23
C ARG A 94 16.04 -11.33 18.81
N MET A 95 16.23 -12.19 17.81
CA MET A 95 16.17 -11.80 16.41
C MET A 95 14.80 -11.37 15.94
N ILE A 96 13.82 -12.29 16.01
CA ILE A 96 12.48 -11.93 15.58
C ILE A 96 12.03 -10.71 16.39
N GLU A 97 12.34 -10.68 17.68
CA GLU A 97 11.94 -9.55 18.50
C GLU A 97 12.51 -8.24 17.94
N THR A 98 13.81 -8.01 18.09
CA THR A 98 14.44 -6.80 17.56
C THR A 98 13.69 -6.30 16.36
N TYR A 99 13.71 -7.14 15.33
CA TYR A 99 13.04 -6.88 14.08
C TYR A 99 11.66 -6.30 14.40
N ILE A 100 10.77 -7.15 14.92
CA ILE A 100 9.42 -6.77 15.31
C ILE A 100 9.39 -5.72 16.42
N THR A 101 10.35 -4.81 16.43
CA THR A 101 10.39 -3.76 17.45
C THR A 101 11.34 -2.66 16.99
N THR A 102 11.93 -2.83 15.82
CA THR A 102 12.84 -1.81 15.31
C THR A 102 12.64 -1.65 13.82
N ARG A 103 11.81 -2.49 13.22
CA ARG A 103 11.60 -2.40 11.79
C ARG A 103 10.28 -1.72 11.63
N GLU A 104 10.33 -0.41 11.54
CA GLU A 104 9.13 0.40 11.41
C GLU A 104 8.19 0.06 10.23
N GLU A 105 8.76 -0.29 9.06
CA GLU A 105 7.96 -0.65 7.90
C GLU A 105 7.16 -1.93 8.12
N LEU A 106 7.61 -2.77 9.04
CA LEU A 106 6.87 -3.99 9.33
C LEU A 106 5.42 -3.55 9.34
N LYS A 107 4.70 -3.91 8.30
CA LYS A 107 3.31 -3.52 8.21
C LYS A 107 2.27 -4.49 8.74
N ALA A 108 2.74 -5.59 9.36
CA ALA A 108 1.91 -6.67 9.97
C ALA A 108 2.57 -8.07 9.92
N VAL A 109 2.20 -8.93 10.84
CA VAL A 109 2.78 -10.27 10.82
C VAL A 109 1.71 -11.31 10.55
N VAL A 110 2.03 -12.16 9.56
CA VAL A 110 1.19 -13.26 9.13
C VAL A 110 1.73 -14.41 9.94
N GLN A 111 1.02 -14.78 11.01
CA GLN A 111 1.45 -15.92 11.85
C GLN A 111 0.68 -17.08 11.27
N ILE A 112 1.42 -18.13 10.92
CA ILE A 112 0.85 -19.32 10.32
C ILE A 112 0.86 -20.54 11.24
N VAL A 113 -0.29 -21.16 11.43
CA VAL A 113 -0.36 -22.37 12.27
C VAL A 113 -1.09 -23.45 11.50
N ASP A 114 -0.88 -24.70 11.89
CA ASP A 114 -1.52 -25.81 11.21
C ASP A 114 -2.96 -26.02 11.67
N LEU A 115 -3.87 -26.10 10.71
CA LEU A 115 -5.28 -26.28 11.01
C LEU A 115 -5.60 -27.60 11.76
N ARG A 116 -5.01 -28.71 11.29
CA ARG A 116 -5.16 -30.06 11.84
C ARG A 116 -5.07 -30.13 13.35
N HIS A 117 -3.97 -29.59 13.88
CA HIS A 117 -3.74 -29.58 15.31
C HIS A 117 -4.09 -28.22 15.87
N ALA A 118 -3.98 -28.06 17.18
CA ALA A 118 -4.27 -26.77 17.78
C ALA A 118 -2.97 -26.00 18.00
N PRO A 119 -3.04 -24.66 17.97
CA PRO A 119 -1.87 -23.78 18.16
C PRO A 119 -1.05 -24.24 19.37
N SER A 120 0.25 -24.46 19.17
CA SER A 120 1.13 -24.89 20.25
C SER A 120 1.35 -23.66 21.11
N ASN A 121 1.63 -23.85 22.40
CA ASN A 121 1.82 -22.69 23.27
C ASN A 121 2.74 -21.64 22.61
N ASP A 122 3.79 -22.11 21.94
CA ASP A 122 4.70 -21.22 21.20
C ASP A 122 3.87 -20.25 20.31
N ASP A 123 2.76 -20.76 19.78
CA ASP A 123 1.93 -19.95 18.93
C ASP A 123 1.14 -18.97 19.77
N VAL A 124 0.63 -19.42 20.91
CA VAL A 124 -0.13 -18.50 21.75
C VAL A 124 0.91 -17.47 22.16
N GLN A 125 2.03 -17.95 22.69
CA GLN A 125 3.14 -17.10 23.07
C GLN A 125 3.33 -16.05 21.96
N MET A 126 3.85 -16.49 20.82
CA MET A 126 4.12 -15.61 19.68
C MET A 126 3.07 -14.55 19.51
N TYR A 127 1.83 -14.98 19.34
CA TYR A 127 0.67 -14.10 19.11
C TYR A 127 0.53 -13.09 20.24
N GLU A 128 0.72 -13.58 21.45
CA GLU A 128 0.64 -12.79 22.66
C GLU A 128 1.56 -11.59 22.52
N PHE A 129 2.85 -11.91 22.40
CA PHE A 129 3.94 -10.97 22.23
C PHE A 129 3.64 -10.04 21.09
N LEU A 130 3.25 -10.66 19.99
CA LEU A 130 2.95 -9.92 18.77
C LEU A 130 1.83 -8.93 19.06
N LYS A 131 1.05 -9.24 20.08
CA LYS A 131 -0.06 -8.38 20.45
C LYS A 131 0.31 -7.37 21.50
N TYR A 132 1.22 -7.74 22.39
CA TYR A 132 1.69 -6.80 23.38
C TYR A 132 2.25 -5.57 22.61
N TYR A 133 2.93 -5.80 21.49
CA TYR A 133 3.41 -4.65 20.75
C TYR A 133 2.38 -4.08 19.84
N GLY A 134 1.18 -4.63 19.90
CA GLY A 134 0.10 -4.13 19.07
C GLY A 134 0.47 -4.21 17.62
N ILE A 135 1.07 -5.33 17.23
CA ILE A 135 1.43 -5.53 15.85
C ILE A 135 0.27 -6.24 15.18
N PRO A 136 -0.26 -5.65 14.10
CA PRO A 136 -1.38 -6.34 13.45
C PRO A 136 -0.91 -7.73 12.97
N VAL A 137 -1.80 -8.73 13.10
CA VAL A 137 -1.48 -10.09 12.70
C VAL A 137 -2.52 -10.71 11.82
N ILE A 138 -2.05 -11.51 10.87
CA ILE A 138 -2.95 -12.22 9.95
C ILE A 138 -2.73 -13.71 10.14
N VAL A 139 -3.41 -14.27 11.13
CA VAL A 139 -3.31 -15.71 11.42
C VAL A 139 -3.70 -16.55 10.19
N ILE A 140 -3.05 -17.68 10.00
CA ILE A 140 -3.35 -18.53 8.85
C ILE A 140 -3.47 -20.01 9.18
N ALA A 141 -4.68 -20.54 9.20
CA ALA A 141 -4.85 -21.99 9.45
C ALA A 141 -4.46 -22.66 8.12
N THR A 142 -3.21 -23.12 8.04
CA THR A 142 -2.74 -23.73 6.82
C THR A 142 -2.98 -25.21 6.68
N LYS A 143 -2.52 -25.74 5.55
CA LYS A 143 -2.67 -27.14 5.22
C LYS A 143 -4.14 -27.62 5.32
N ALA A 144 -5.08 -26.74 4.96
CA ALA A 144 -6.52 -27.07 5.01
C ALA A 144 -6.78 -28.40 4.29
N ASP A 145 -6.27 -28.48 3.06
CA ASP A 145 -6.33 -29.63 2.17
C ASP A 145 -6.02 -30.99 2.81
N LYS A 146 -5.62 -31.03 4.08
CA LYS A 146 -5.31 -32.31 4.69
C LYS A 146 -6.30 -32.56 5.83
N ILE A 147 -7.40 -31.84 5.72
CA ILE A 147 -8.48 -31.91 6.68
C ILE A 147 -9.80 -31.99 5.95
N PRO A 148 -10.55 -33.08 6.16
CA PRO A 148 -11.85 -33.25 5.50
C PRO A 148 -12.62 -31.94 5.49
N LYS A 149 -12.69 -31.34 4.31
CA LYS A 149 -13.39 -30.08 4.08
C LYS A 149 -14.55 -29.86 5.06
N GLY A 150 -15.28 -30.93 5.33
CA GLY A 150 -16.41 -30.88 6.23
C GLY A 150 -16.10 -30.51 7.67
N LYS A 151 -14.88 -30.78 8.13
CA LYS A 151 -14.54 -30.46 9.51
C LYS A 151 -13.61 -29.28 9.72
N TRP A 152 -13.66 -28.31 8.80
CA TRP A 152 -12.82 -27.14 8.94
C TRP A 152 -13.35 -26.14 9.93
N ASP A 153 -14.47 -26.45 10.56
CA ASP A 153 -15.02 -25.53 11.55
C ASP A 153 -14.57 -26.01 12.92
N LYS A 154 -14.72 -27.31 13.14
CA LYS A 154 -14.31 -27.97 14.38
C LYS A 154 -12.80 -27.74 14.60
N HIS A 155 -12.08 -27.53 13.51
CA HIS A 155 -10.65 -27.32 13.59
C HIS A 155 -10.27 -25.85 13.76
N ALA A 156 -10.84 -25.00 12.92
CA ALA A 156 -10.56 -23.58 12.93
C ALA A 156 -11.25 -22.81 14.06
N LYS A 157 -12.11 -23.48 14.82
CA LYS A 157 -12.79 -22.83 15.93
C LYS A 157 -11.83 -22.88 17.10
N VAL A 158 -11.17 -24.03 17.18
CA VAL A 158 -10.16 -24.33 18.20
C VAL A 158 -9.05 -23.28 18.20
N VAL A 159 -8.62 -22.90 17.01
CA VAL A 159 -7.59 -21.90 16.91
C VAL A 159 -8.08 -20.64 17.61
N ARG A 160 -9.11 -20.00 17.02
CA ARG A 160 -9.67 -18.78 17.54
C ARG A 160 -9.69 -18.76 19.06
N GLN A 161 -10.20 -19.85 19.64
CA GLN A 161 -10.26 -20.03 21.10
C GLN A 161 -8.84 -20.09 21.65
N THR A 162 -8.02 -20.99 21.08
CA THR A 162 -6.65 -21.13 21.56
C THR A 162 -5.90 -19.78 21.51
N LEU A 163 -5.68 -19.28 20.31
CA LEU A 163 -5.01 -18.02 20.25
C LEU A 163 -5.93 -16.90 20.73
N ASN A 164 -7.16 -17.23 21.13
CA ASN A 164 -8.10 -16.19 21.55
C ASN A 164 -7.75 -14.95 20.72
N ILE A 165 -7.99 -15.00 19.40
CA ILE A 165 -7.65 -13.88 18.48
C ILE A 165 -8.51 -12.60 18.63
N ASP A 166 -7.84 -11.46 18.73
CA ASP A 166 -8.55 -10.20 18.87
C ASP A 166 -9.57 -10.08 17.73
N PRO A 167 -10.54 -9.15 17.84
CA PRO A 167 -11.53 -8.99 16.77
C PRO A 167 -10.92 -8.15 15.65
N GLU A 168 -9.86 -7.41 15.99
CA GLU A 168 -9.14 -6.57 15.03
C GLU A 168 -8.28 -7.45 14.12
N ASP A 169 -7.82 -8.57 14.66
CA ASP A 169 -6.99 -9.47 13.89
C ASP A 169 -7.88 -10.43 13.14
N GLU A 170 -7.30 -11.23 12.24
CA GLU A 170 -8.12 -12.14 11.45
C GLU A 170 -7.55 -13.49 11.05
N LEU A 171 -8.34 -14.53 11.35
CA LEU A 171 -8.04 -15.93 11.03
C LEU A 171 -8.52 -16.22 9.60
N ILE A 172 -7.78 -17.05 8.89
CA ILE A 172 -8.11 -17.41 7.52
C ILE A 172 -7.65 -18.82 7.27
N LEU A 173 -8.50 -19.62 6.65
CA LEU A 173 -8.15 -21.00 6.36
C LEU A 173 -7.29 -20.91 5.09
N PHE A 174 -6.33 -21.83 4.95
CA PHE A 174 -5.39 -21.76 3.80
C PHE A 174 -4.84 -23.11 3.30
N SER A 175 -4.39 -23.11 2.03
CA SER A 175 -3.75 -24.30 1.44
C SER A 175 -2.59 -23.94 0.49
N SER A 176 -1.41 -24.49 0.71
CA SER A 176 -0.36 -24.19 -0.23
C SER A 176 -0.47 -25.19 -1.37
N GLU A 177 -1.32 -26.18 -1.18
CA GLU A 177 -1.55 -27.19 -2.21
C GLU A 177 -2.56 -26.64 -3.21
N THR A 178 -3.80 -26.60 -2.75
CA THR A 178 -4.93 -26.15 -3.54
C THR A 178 -5.09 -24.63 -3.63
N LYS A 179 -4.20 -23.86 -3.00
CA LYS A 179 -4.28 -22.40 -3.06
C LYS A 179 -5.51 -21.74 -2.42
N LYS A 180 -6.26 -22.49 -1.59
CA LYS A 180 -7.44 -21.94 -0.87
C LYS A 180 -7.05 -20.87 0.20
N GLY A 181 -7.69 -19.70 0.16
CA GLY A 181 -7.33 -18.66 1.12
C GLY A 181 -6.34 -17.69 0.49
N LYS A 182 -5.93 -18.01 -0.73
CA LYS A 182 -5.02 -17.18 -1.49
C LYS A 182 -5.44 -15.71 -1.31
N ASP A 183 -6.29 -15.23 -2.21
CA ASP A 183 -6.75 -13.85 -2.19
C ASP A 183 -7.15 -13.27 -0.83
N GLU A 184 -7.85 -14.06 -0.02
CA GLU A 184 -8.25 -13.57 1.30
C GLU A 184 -6.99 -13.03 1.97
N ALA A 185 -5.91 -13.83 1.87
CA ALA A 185 -4.61 -13.46 2.43
C ALA A 185 -4.18 -12.11 1.83
N TRP A 186 -4.08 -12.07 0.51
CA TRP A 186 -3.69 -10.85 -0.17
C TRP A 186 -4.58 -9.65 0.13
N GLY A 187 -5.83 -9.91 0.50
CA GLY A 187 -6.71 -8.79 0.81
C GLY A 187 -6.28 -8.20 2.13
N ALA A 188 -6.39 -8.99 3.19
CA ALA A 188 -6.01 -8.59 4.55
C ALA A 188 -4.61 -8.00 4.56
N ILE A 189 -3.73 -8.66 3.82
CA ILE A 189 -2.35 -8.24 3.71
C ILE A 189 -2.33 -6.85 3.09
N LYS A 190 -3.27 -6.59 2.20
CA LYS A 190 -3.32 -5.29 1.58
C LYS A 190 -4.01 -4.26 2.45
N LYS A 191 -4.83 -4.68 3.39
CA LYS A 191 -5.46 -3.72 4.27
C LYS A 191 -4.29 -3.13 5.03
N MET A 192 -3.49 -4.02 5.58
CA MET A 192 -2.32 -3.62 6.36
C MET A 192 -1.37 -2.70 5.62
N ILE A 193 -1.18 -2.95 4.33
CA ILE A 193 -0.28 -2.15 3.52
C ILE A 193 -0.90 -0.81 3.19
N ASN A 194 -2.02 -0.86 2.49
CA ASN A 194 -2.75 0.35 2.11
C ASN A 194 -3.78 0.64 3.20
N ARG A 195 -3.30 0.96 4.39
CA ARG A 195 -4.20 1.27 5.50
C ARG A 195 -4.42 2.78 5.42
N MET B 1 -12.72 22.04 -24.79
CA MET B 1 -11.39 22.62 -24.42
C MET B 1 -10.23 21.78 -24.98
N LYS B 2 -10.02 21.89 -26.29
CA LYS B 2 -8.95 21.16 -26.99
C LYS B 2 -7.60 21.63 -26.46
N VAL B 3 -6.64 20.70 -26.39
CA VAL B 3 -5.30 21.02 -25.90
C VAL B 3 -4.24 20.34 -26.75
N THR B 4 -3.13 21.03 -26.95
CA THR B 4 -2.02 20.46 -27.72
C THR B 4 -0.69 20.99 -27.17
N LYS B 5 -0.77 22.05 -26.36
CA LYS B 5 0.44 22.62 -25.75
C LYS B 5 0.76 21.66 -24.60
N SER B 6 1.19 20.46 -25.02
CA SER B 6 1.57 19.36 -24.12
C SER B 6 3.07 19.08 -24.33
N GLU B 7 3.82 19.19 -23.25
CA GLU B 7 5.26 19.00 -23.21
C GLU B 7 5.73 19.52 -21.85
N ILE B 8 6.67 18.81 -21.23
CA ILE B 8 7.18 19.19 -19.91
C ILE B 8 8.00 20.47 -19.93
N VAL B 9 8.53 20.82 -18.77
CA VAL B 9 9.38 22.00 -18.62
C VAL B 9 10.58 21.56 -17.81
N ILE B 10 10.38 21.43 -16.50
CA ILE B 10 11.45 21.02 -15.60
C ILE B 10 10.98 20.42 -14.28
N SER B 11 11.61 19.31 -13.91
CA SER B 11 11.33 18.61 -12.65
C SER B 11 12.13 19.36 -11.58
N ALA B 12 11.45 20.04 -10.66
CA ALA B 12 12.13 20.79 -9.61
C ALA B 12 12.24 20.02 -8.29
N VAL B 13 13.10 20.49 -7.40
CA VAL B 13 13.30 19.88 -6.10
C VAL B 13 12.98 20.91 -5.01
N LYS B 14 13.70 22.04 -5.02
CA LYS B 14 13.46 23.12 -4.07
C LYS B 14 12.91 24.32 -4.86
N PRO B 15 12.16 25.21 -4.21
CA PRO B 15 11.62 26.36 -4.94
C PRO B 15 12.47 26.91 -6.08
N GLU B 16 13.74 27.23 -5.77
CA GLU B 16 14.70 27.79 -6.75
C GLU B 16 14.77 27.03 -8.07
N GLN B 17 13.89 26.06 -8.28
CA GLN B 17 13.95 25.30 -9.51
C GLN B 17 12.64 25.30 -10.31
N TYR B 18 11.56 25.75 -9.70
CA TYR B 18 10.30 25.80 -10.40
C TYR B 18 10.43 26.92 -11.47
N PRO B 19 9.52 26.95 -12.46
CA PRO B 19 9.57 27.97 -13.51
C PRO B 19 9.04 29.34 -13.07
N GLU B 20 9.17 30.31 -13.95
CA GLU B 20 8.67 31.64 -13.65
C GLU B 20 7.38 31.83 -14.43
N GLY B 21 7.51 32.28 -15.67
CA GLY B 21 6.36 32.49 -16.52
C GLY B 21 5.25 33.30 -15.88
N GLY B 22 4.66 32.78 -14.82
CA GLY B 22 3.58 33.46 -14.15
C GLY B 22 2.27 32.72 -14.34
N LEU B 23 2.24 31.83 -15.34
CA LEU B 23 1.05 31.03 -15.61
C LEU B 23 0.52 30.48 -14.26
N PRO B 24 -0.77 30.14 -14.21
CA PRO B 24 -1.31 29.60 -12.97
C PRO B 24 -0.93 28.13 -12.95
N GLU B 25 -0.92 27.49 -11.77
CA GLU B 25 -0.55 26.08 -11.71
C GLU B 25 -1.60 25.18 -11.00
N ILE B 26 -1.67 23.93 -11.44
CA ILE B 26 -2.58 22.94 -10.85
C ILE B 26 -1.74 21.73 -10.49
N ALA B 27 -1.57 21.48 -9.19
CA ALA B 27 -0.77 20.36 -8.72
C ALA B 27 -1.58 19.15 -8.29
N LEU B 28 -0.92 18.00 -8.23
CA LEU B 28 -1.53 16.73 -7.85
C LEU B 28 -1.01 16.14 -6.54
N ALA B 29 -1.93 15.71 -5.68
CA ALA B 29 -1.56 15.11 -4.40
C ALA B 29 -2.39 13.86 -4.08
N GLY B 30 -1.71 12.80 -3.65
CA GLY B 30 -2.41 11.58 -3.32
C GLY B 30 -1.49 10.38 -3.13
N ARG B 31 -2.10 9.22 -2.86
CA ARG B 31 -1.37 7.98 -2.66
C ARG B 31 -0.75 7.60 -4.00
N SER B 32 0.17 6.66 -4.02
CA SER B 32 0.80 6.23 -5.27
C SER B 32 0.02 5.11 -5.96
N ASN B 33 0.21 4.96 -7.25
CA ASN B 33 -0.52 3.94 -7.98
C ASN B 33 -1.98 4.36 -8.02
N VAL B 34 -2.24 5.56 -7.50
CA VAL B 34 -3.60 6.07 -7.50
C VAL B 34 -3.87 6.56 -8.91
N GLY B 35 -2.85 7.15 -9.54
CA GLY B 35 -3.01 7.67 -10.88
C GLY B 35 -3.00 9.19 -11.02
N LYS B 36 -1.97 9.81 -10.47
CA LYS B 36 -1.80 11.26 -10.53
C LYS B 36 -1.32 11.58 -11.93
N SER B 37 -0.20 10.93 -12.28
CA SER B 37 0.39 11.08 -13.59
C SER B 37 -0.74 10.86 -14.59
N SER B 38 -1.49 9.78 -14.41
CA SER B 38 -2.61 9.44 -15.28
C SER B 38 -3.66 10.55 -15.37
N PHE B 39 -4.15 11.03 -14.23
CA PHE B 39 -5.15 12.08 -14.24
C PHE B 39 -4.75 13.14 -15.24
N ILE B 40 -3.50 13.61 -15.10
CA ILE B 40 -2.94 14.65 -15.95
C ILE B 40 -2.84 14.19 -17.39
N ASN B 41 -2.21 13.03 -17.61
CA ASN B 41 -2.04 12.47 -18.94
C ASN B 41 -3.39 12.41 -19.64
N SER B 42 -4.37 11.88 -18.93
CA SER B 42 -5.71 11.76 -19.48
C SER B 42 -6.41 13.10 -19.78
N LEU B 43 -6.13 14.12 -18.99
CA LEU B 43 -6.75 15.44 -19.24
C LEU B 43 -6.26 16.04 -20.57
N ILE B 44 -4.94 16.05 -20.75
CA ILE B 44 -4.31 16.63 -21.93
C ILE B 44 -4.25 15.75 -23.16
N ASN B 45 -4.90 14.60 -23.13
CA ASN B 45 -4.90 13.73 -24.29
C ASN B 45 -3.51 13.38 -24.81
N ARG B 46 -2.76 12.69 -23.95
CA ARG B 46 -1.39 12.22 -24.22
C ARG B 46 -1.37 10.89 -23.47
N LYS B 47 -0.81 9.86 -24.09
CA LYS B 47 -0.78 8.55 -23.46
C LYS B 47 0.43 8.27 -22.57
N ASN B 48 1.16 9.32 -22.17
CA ASN B 48 2.35 9.17 -21.31
C ASN B 48 3.30 10.35 -21.24
N LEU B 49 2.84 11.55 -21.52
CA LEU B 49 3.76 12.68 -21.43
C LEU B 49 4.36 12.68 -20.02
N ALA B 50 3.52 12.31 -19.05
CA ALA B 50 3.88 12.22 -17.65
C ALA B 50 4.04 10.75 -17.22
N ARG B 51 4.98 10.05 -17.86
CA ARG B 51 5.32 8.64 -17.62
C ARG B 51 4.64 7.93 -16.46
N THR B 52 3.60 7.17 -16.75
CA THR B 52 2.85 6.43 -15.75
C THR B 52 3.59 5.10 -15.42
N SER B 53 2.98 4.22 -14.64
CA SER B 53 3.59 2.92 -14.27
C SER B 53 2.60 1.94 -13.61
N SER B 54 3.09 0.92 -12.91
CA SER B 54 2.17 0.00 -12.27
C SER B 54 2.74 -0.68 -11.03
N LYS B 55 2.25 -0.23 -9.87
CA LYS B 55 2.62 -0.75 -8.55
C LYS B 55 3.80 -0.11 -7.78
N PRO B 56 4.78 0.50 -8.48
CA PRO B 56 5.91 1.12 -7.77
C PRO B 56 5.60 2.46 -7.10
N GLY B 57 6.28 3.50 -7.60
CA GLY B 57 6.17 4.87 -7.16
C GLY B 57 7.04 5.57 -8.18
N LYS B 58 6.49 5.76 -9.38
CA LYS B 58 7.24 6.34 -10.48
C LYS B 58 7.65 7.80 -10.37
N THR B 59 6.68 8.71 -10.31
CA THR B 59 7.00 10.15 -10.22
C THR B 59 7.91 10.49 -9.03
N GLN B 60 9.02 11.17 -9.28
CA GLN B 60 9.94 11.53 -8.19
C GLN B 60 9.91 13.01 -7.87
N THR B 61 9.63 13.83 -8.86
CA THR B 61 9.64 15.27 -8.63
C THR B 61 8.36 15.99 -9.05
N LEU B 62 8.36 17.30 -8.86
CA LEU B 62 7.22 18.10 -9.23
C LEU B 62 7.52 18.47 -10.67
N ASN B 63 7.21 17.55 -11.58
CA ASN B 63 7.47 17.82 -12.98
C ASN B 63 6.39 18.76 -13.48
N PHE B 64 6.80 19.96 -13.87
CA PHE B 64 5.86 20.96 -14.36
C PHE B 64 5.58 20.88 -15.85
N TYR B 65 4.40 20.36 -16.18
CA TYR B 65 3.96 20.21 -17.56
C TYR B 65 3.07 21.39 -17.93
N ILE B 66 3.61 22.35 -18.68
CA ILE B 66 2.84 23.52 -19.08
C ILE B 66 1.80 23.11 -20.09
N ILE B 67 0.65 23.76 -20.06
CA ILE B 67 -0.41 23.43 -20.97
C ILE B 67 -1.02 24.70 -21.57
N ASN B 68 -1.11 24.72 -22.90
CA ASN B 68 -1.69 25.86 -23.63
C ASN B 68 -1.07 27.16 -23.18
N ASP B 69 0.25 27.19 -22.98
CA ASP B 69 0.91 28.43 -22.53
C ASP B 69 -0.11 29.27 -21.77
N GLU B 70 -0.85 28.59 -20.89
CA GLU B 70 -1.87 29.22 -20.08
C GLU B 70 -1.51 28.97 -18.65
N LEU B 71 -1.52 27.69 -18.31
CA LEU B 71 -1.29 27.23 -16.95
C LEU B 71 -0.36 26.06 -16.87
N HIS B 72 -0.14 25.65 -15.62
CA HIS B 72 0.77 24.56 -15.28
C HIS B 72 0.18 23.38 -14.52
N PHE B 73 0.50 22.18 -15.00
CA PHE B 73 0.10 20.96 -14.33
C PHE B 73 1.38 20.55 -13.59
N VAL B 74 1.30 20.46 -12.27
CA VAL B 74 2.45 20.09 -11.46
C VAL B 74 2.26 18.67 -10.96
N ASP B 75 3.04 17.74 -11.48
CA ASP B 75 2.93 16.36 -11.04
C ASP B 75 3.91 16.09 -9.92
N VAL B 76 3.38 15.63 -8.80
CA VAL B 76 4.17 15.37 -7.62
C VAL B 76 4.16 13.88 -7.28
N PRO B 77 5.20 13.38 -6.59
CA PRO B 77 5.24 11.95 -6.23
C PRO B 77 4.05 11.63 -5.36
N GLY B 78 4.12 10.52 -4.63
CA GLY B 78 3.03 10.15 -3.74
C GLY B 78 3.51 10.18 -2.30
N TYR B 79 2.57 10.23 -1.35
CA TYR B 79 2.90 10.25 0.08
C TYR B 79 4.15 9.41 0.31
N GLY B 80 5.26 10.07 0.59
CA GLY B 80 6.51 9.35 0.80
C GLY B 80 6.98 8.79 -0.53
N PHE B 81 8.26 8.98 -0.85
CA PHE B 81 8.80 8.49 -2.11
C PHE B 81 8.74 6.97 -2.18
N GLU B 88 12.18 9.09 4.43
CA GLU B 88 11.57 9.30 3.11
C GLU B 88 10.14 9.73 3.34
N ARG B 89 9.60 9.32 4.48
CA ARG B 89 8.23 9.66 4.83
C ARG B 89 8.29 11.08 5.30
N GLU B 90 9.13 11.29 6.31
CA GLU B 90 9.36 12.58 6.93
C GLU B 90 9.54 13.67 5.88
N ALA B 91 10.31 13.36 4.84
CA ALA B 91 10.54 14.32 3.77
C ALA B 91 9.23 14.76 3.10
N TRP B 92 8.93 14.17 1.94
CA TRP B 92 7.75 14.50 1.13
C TRP B 92 6.97 15.72 1.61
N GLY B 93 6.28 15.56 2.72
CA GLY B 93 5.49 16.65 3.29
C GLY B 93 6.10 18.03 3.14
N ARG B 94 7.26 18.24 3.76
CA ARG B 94 7.91 19.53 3.69
C ARG B 94 7.94 20.04 2.25
N MET B 95 8.23 19.14 1.32
CA MET B 95 8.25 19.50 -0.09
C MET B 95 6.85 19.97 -0.46
N ILE B 96 5.90 19.05 -0.47
CA ILE B 96 4.53 19.38 -0.81
C ILE B 96 4.10 20.61 -0.03
N GLU B 97 4.66 20.76 1.17
CA GLU B 97 4.33 21.90 2.01
C GLU B 97 5.01 23.16 1.53
N THR B 98 6.35 23.17 1.49
CA THR B 98 7.08 24.34 1.03
C THR B 98 6.49 24.82 -0.30
N TYR B 99 6.12 23.89 -1.18
CA TYR B 99 5.57 24.31 -2.45
C TYR B 99 4.27 25.11 -2.26
N ILE B 100 3.29 24.45 -1.67
CA ILE B 100 1.98 25.05 -1.43
C ILE B 100 1.98 26.30 -0.53
N THR B 101 2.92 26.39 0.40
CA THR B 101 2.94 27.54 1.28
C THR B 101 3.86 28.63 0.81
N THR B 102 4.29 28.55 -0.46
CA THR B 102 5.18 29.56 -1.04
C THR B 102 5.01 29.65 -2.55
N ARG B 103 3.82 29.29 -3.05
CA ARG B 103 3.61 29.30 -4.49
C ARG B 103 2.42 30.12 -4.94
N GLU B 104 2.73 31.34 -5.38
CA GLU B 104 1.70 32.24 -5.86
C GLU B 104 0.82 31.49 -6.84
N GLU B 105 1.45 31.05 -7.92
CA GLU B 105 0.81 30.31 -9.01
C GLU B 105 -0.20 29.22 -8.60
N LEU B 106 0.16 28.40 -7.60
CA LEU B 106 -0.74 27.35 -7.16
C LEU B 106 -2.14 27.87 -7.02
N LYS B 107 -2.96 27.55 -8.02
CA LYS B 107 -4.35 27.96 -8.05
C LYS B 107 -5.32 26.84 -7.64
N ALA B 108 -4.80 25.64 -7.39
CA ALA B 108 -5.64 24.52 -6.99
C ALA B 108 -4.86 23.21 -6.93
N VAL B 109 -5.14 22.38 -5.93
CA VAL B 109 -4.45 21.10 -5.79
C VAL B 109 -5.34 19.88 -5.94
N VAL B 110 -5.48 19.39 -7.16
CA VAL B 110 -6.28 18.20 -7.44
C VAL B 110 -5.95 17.07 -6.46
N GLN B 111 -6.82 16.87 -5.48
CA GLN B 111 -6.56 15.81 -4.52
C GLN B 111 -7.20 14.53 -5.02
N ILE B 112 -6.41 13.46 -5.13
CA ILE B 112 -6.92 12.21 -5.66
C ILE B 112 -6.70 10.97 -4.79
N VAL B 113 -7.73 10.12 -4.76
CA VAL B 113 -7.71 8.89 -3.98
C VAL B 113 -8.37 7.72 -4.69
N ASP B 114 -7.96 6.53 -4.27
CA ASP B 114 -8.41 5.22 -4.79
C ASP B 114 -9.86 4.97 -4.35
N LEU B 115 -10.83 5.08 -5.26
CA LEU B 115 -12.25 4.85 -4.92
C LEU B 115 -12.61 3.41 -4.54
N ARG B 116 -11.77 2.46 -4.93
CA ARG B 116 -12.00 1.06 -4.62
C ARG B 116 -11.99 0.79 -3.11
N HIS B 117 -11.86 1.84 -2.30
CA HIS B 117 -11.78 1.69 -0.85
C HIS B 117 -11.48 3.02 -0.20
N ALA B 118 -12.27 3.40 0.80
CA ALA B 118 -12.10 4.70 1.51
C ALA B 118 -10.67 5.10 1.84
N PRO B 119 -10.40 6.42 1.89
CA PRO B 119 -9.12 7.09 2.18
C PRO B 119 -8.17 6.44 3.18
N SER B 120 -6.94 6.92 3.24
CA SER B 120 -6.00 6.35 4.18
C SER B 120 -5.72 7.41 5.23
N ASN B 121 -5.02 7.02 6.28
CA ASN B 121 -4.67 7.96 7.33
C ASN B 121 -3.72 8.99 6.73
N ASP B 122 -2.95 8.55 5.74
CA ASP B 122 -2.07 9.50 5.06
C ASP B 122 -2.89 10.31 4.04
N ASP B 123 -4.03 9.79 3.60
CA ASP B 123 -4.92 10.49 2.64
C ASP B 123 -5.73 11.57 3.34
N VAL B 124 -6.20 11.22 4.53
CA VAL B 124 -7.02 12.10 5.36
C VAL B 124 -6.15 13.24 5.84
N GLN B 125 -4.98 12.85 6.33
CA GLN B 125 -3.99 13.79 6.82
C GLN B 125 -3.78 14.80 5.68
N MET B 126 -3.26 14.31 4.56
CA MET B 126 -2.99 15.17 3.41
C MET B 126 -4.21 15.96 2.94
N TYR B 127 -5.30 15.94 3.70
CA TYR B 127 -6.45 16.74 3.30
C TYR B 127 -6.57 17.87 4.30
N GLU B 128 -6.54 17.52 5.58
CA GLU B 128 -6.63 18.49 6.66
C GLU B 128 -5.57 19.55 6.48
N PHE B 129 -4.38 19.11 6.09
CA PHE B 129 -3.28 20.04 5.86
C PHE B 129 -3.74 21.07 4.85
N LEU B 130 -4.17 20.57 3.70
CA LEU B 130 -4.67 21.43 2.64
C LEU B 130 -5.75 22.35 3.19
N LYS B 131 -6.12 22.14 4.45
CA LYS B 131 -7.17 22.95 5.10
C LYS B 131 -6.50 23.87 6.09
N TYR B 132 -5.56 23.27 6.82
CA TYR B 132 -4.79 23.99 7.80
C TYR B 132 -4.54 25.40 7.25
N TYR B 133 -4.54 25.51 5.93
CA TYR B 133 -4.34 26.77 5.23
C TYR B 133 -5.59 27.21 4.47
N GLY B 134 -6.05 26.35 3.58
CA GLY B 134 -7.24 26.70 2.82
C GLY B 134 -7.00 26.92 1.33
N ILE B 135 -6.59 25.85 0.63
CA ILE B 135 -6.35 25.93 -0.80
C ILE B 135 -7.55 25.38 -1.58
N PRO B 136 -7.89 26.01 -2.72
CA PRO B 136 -9.02 25.58 -3.57
C PRO B 136 -8.81 24.12 -4.00
N VAL B 137 -9.75 23.26 -3.60
CA VAL B 137 -9.62 21.84 -3.90
C VAL B 137 -10.69 21.15 -4.79
N ILE B 138 -10.23 20.10 -5.48
CA ILE B 138 -11.03 19.27 -6.36
C ILE B 138 -10.70 17.83 -6.03
N VAL B 139 -11.61 17.16 -5.33
CA VAL B 139 -11.40 15.78 -4.96
C VAL B 139 -11.61 14.91 -6.18
N ILE B 140 -10.96 13.76 -6.20
CA ILE B 140 -11.07 12.83 -7.31
C ILE B 140 -10.79 11.40 -6.83
N ALA B 141 -11.83 10.57 -6.91
CA ALA B 141 -11.73 9.18 -6.54
C ALA B 141 -11.55 8.49 -7.88
N THR B 142 -10.29 8.37 -8.27
CA THR B 142 -9.90 7.76 -9.54
C THR B 142 -10.27 6.28 -9.65
N LYS B 143 -9.98 5.71 -10.82
CA LYS B 143 -10.25 4.31 -11.11
C LYS B 143 -11.73 3.95 -11.04
N ALA B 144 -12.59 4.96 -11.16
CA ALA B 144 -14.03 4.75 -11.11
C ALA B 144 -14.51 3.71 -12.12
N ASP B 145 -13.59 3.21 -12.94
CA ASP B 145 -13.91 2.22 -13.95
C ASP B 145 -14.03 0.81 -13.39
N LYS B 146 -13.21 0.52 -12.39
CA LYS B 146 -13.17 -0.79 -11.75
C LYS B 146 -14.34 -1.04 -10.79
N ILE B 147 -15.42 -0.28 -10.90
CA ILE B 147 -16.54 -0.45 -9.98
C ILE B 147 -17.92 -0.54 -10.63
N PRO B 148 -18.85 -1.29 -10.01
CA PRO B 148 -20.20 -1.40 -10.56
C PRO B 148 -20.84 -0.03 -10.46
N LYS B 149 -21.18 0.55 -11.62
CA LYS B 149 -21.81 1.87 -11.67
C LYS B 149 -22.88 2.02 -10.59
N GLY B 150 -23.34 0.87 -10.07
CA GLY B 150 -24.34 0.85 -9.03
C GLY B 150 -23.76 1.18 -7.67
N LYS B 151 -22.87 0.32 -7.18
CA LYS B 151 -22.23 0.54 -5.87
C LYS B 151 -21.18 1.68 -5.85
N TRP B 152 -21.29 2.61 -6.80
CA TRP B 152 -20.38 3.73 -6.84
C TRP B 152 -20.77 4.57 -5.62
N ASP B 153 -21.96 5.17 -5.64
CA ASP B 153 -22.40 6.01 -4.52
C ASP B 153 -22.00 5.38 -3.19
N LYS B 154 -22.14 4.05 -3.11
CA LYS B 154 -21.80 3.32 -1.89
C LYS B 154 -20.34 3.54 -1.51
N HIS B 155 -19.51 3.79 -2.52
CA HIS B 155 -18.10 4.03 -2.30
C HIS B 155 -17.77 5.52 -2.32
N ALA B 156 -18.48 6.26 -3.16
CA ALA B 156 -18.26 7.69 -3.26
C ALA B 156 -18.58 8.38 -1.95
N LYS B 157 -19.62 7.90 -1.29
CA LYS B 157 -20.03 8.47 -0.03
C LYS B 157 -19.02 8.12 1.07
N VAL B 158 -18.55 6.88 1.05
CA VAL B 158 -17.58 6.43 2.04
C VAL B 158 -16.24 7.20 1.95
N VAL B 159 -15.95 7.83 0.81
CA VAL B 159 -14.70 8.60 0.70
C VAL B 159 -14.94 10.03 1.19
N ARG B 160 -16.11 10.56 0.85
CA ARG B 160 -16.52 11.89 1.27
C ARG B 160 -16.80 11.83 2.77
N GLN B 161 -16.83 10.61 3.26
CA GLN B 161 -17.11 10.36 4.64
C GLN B 161 -15.78 10.15 5.35
N THR B 162 -14.85 9.46 4.70
CA THR B 162 -13.57 9.23 5.35
C THR B 162 -12.85 10.55 5.52
N LEU B 163 -12.74 11.30 4.43
CA LEU B 163 -12.07 12.59 4.44
C LEU B 163 -12.93 13.64 5.12
N ASN B 164 -14.23 13.39 5.23
CA ASN B 164 -15.12 14.37 5.85
C ASN B 164 -14.96 15.56 4.92
N ILE B 165 -15.01 15.28 3.62
CA ILE B 165 -14.81 16.33 2.66
C ILE B 165 -15.68 17.56 2.86
N ASP B 166 -15.01 18.70 2.75
CA ASP B 166 -15.58 20.01 2.93
C ASP B 166 -16.69 20.19 1.91
N PRO B 167 -17.68 21.01 2.25
CA PRO B 167 -18.76 21.22 1.30
C PRO B 167 -18.54 22.35 0.33
N GLU B 168 -17.36 22.94 0.30
CA GLU B 168 -17.12 24.01 -0.66
C GLU B 168 -16.21 23.45 -1.78
N ASP B 169 -15.69 22.24 -1.55
CA ASP B 169 -14.85 21.54 -2.51
C ASP B 169 -15.76 20.58 -3.29
N GLU B 170 -15.63 20.61 -4.62
CA GLU B 170 -16.45 19.75 -5.49
C GLU B 170 -15.91 18.33 -5.67
N LEU B 171 -16.69 17.37 -5.20
CA LEU B 171 -16.34 15.96 -5.29
C LEU B 171 -16.53 15.42 -6.68
N ILE B 172 -15.73 14.42 -7.05
CA ILE B 172 -15.79 13.81 -8.39
C ILE B 172 -15.00 12.50 -8.65
N LEU B 173 -15.69 11.57 -9.30
CA LEU B 173 -15.14 10.24 -9.64
C LEU B 173 -14.45 10.31 -11.00
N PHE B 174 -13.38 9.54 -11.14
CA PHE B 174 -12.59 9.59 -12.37
C PHE B 174 -12.07 8.24 -12.85
N SER B 175 -11.72 8.20 -14.14
CA SER B 175 -11.18 6.99 -14.79
C SER B 175 -10.21 7.37 -15.90
N SER B 176 -8.94 7.02 -15.70
CA SER B 176 -7.88 7.28 -16.68
C SER B 176 -7.85 6.06 -17.60
N GLU B 177 -9.04 5.52 -17.86
CA GLU B 177 -9.20 4.35 -18.71
C GLU B 177 -10.37 4.57 -19.65
N THR B 178 -11.47 5.08 -19.09
CA THR B 178 -12.67 5.34 -19.87
C THR B 178 -12.87 6.83 -20.13
N LYS B 179 -12.49 7.65 -19.14
CA LYS B 179 -12.58 9.13 -19.14
C LYS B 179 -13.80 9.65 -18.35
N LYS B 180 -14.13 8.96 -17.26
CA LYS B 180 -15.26 9.34 -16.43
C LYS B 180 -14.87 10.55 -15.57
N GLY B 181 -15.06 11.75 -16.11
CA GLY B 181 -14.72 12.95 -15.38
C GLY B 181 -13.89 13.96 -16.16
N LYS B 182 -13.05 13.47 -17.05
CA LYS B 182 -12.20 14.34 -17.85
C LYS B 182 -12.97 15.57 -18.32
N ASP B 183 -14.13 15.34 -18.92
CA ASP B 183 -14.98 16.43 -19.43
C ASP B 183 -15.69 17.17 -18.33
N GLU B 184 -15.03 17.28 -17.18
CA GLU B 184 -15.58 17.97 -16.03
C GLU B 184 -14.40 18.42 -15.21
N ALA B 185 -13.40 17.56 -15.12
CA ALA B 185 -12.20 17.89 -14.39
C ALA B 185 -11.76 19.24 -14.92
N TRP B 186 -12.01 19.47 -16.20
CA TRP B 186 -11.64 20.73 -16.82
C TRP B 186 -12.60 21.86 -16.45
N GLY B 187 -13.64 21.51 -15.71
CA GLY B 187 -14.61 22.50 -15.28
C GLY B 187 -14.08 23.17 -14.05
N ALA B 188 -14.08 22.43 -12.95
CA ALA B 188 -13.58 22.97 -11.69
C ALA B 188 -12.28 23.69 -11.99
N ILE B 189 -11.34 22.98 -12.59
CA ILE B 189 -10.07 23.58 -12.90
C ILE B 189 -10.28 24.91 -13.59
N LYS B 190 -10.64 24.89 -14.87
CA LYS B 190 -10.85 26.11 -15.65
C LYS B 190 -11.56 27.20 -14.87
N LYS B 191 -12.42 26.82 -13.95
CA LYS B 191 -13.11 27.82 -13.14
C LYS B 191 -12.07 28.28 -12.15
N MET B 192 -11.33 27.31 -11.60
CA MET B 192 -10.26 27.55 -10.64
C MET B 192 -8.97 27.94 -11.36
N ILE B 193 -9.04 28.99 -12.15
CA ILE B 193 -7.90 29.48 -12.93
C ILE B 193 -8.39 30.84 -13.34
N ASN B 194 -9.63 30.81 -13.84
CA ASN B 194 -10.35 31.97 -14.31
C ASN B 194 -11.16 32.49 -13.13
N ARG B 195 -11.15 31.72 -12.04
CA ARG B 195 -11.86 32.10 -10.83
C ARG B 195 -11.83 33.63 -10.71
MG MG C . 9.90 -20.24 6.75
PG GTP D . 10.96 -23.58 7.93
O1G GTP D . 10.44 -22.80 9.11
O2G GTP D . 11.95 -24.66 8.29
O3G GTP D . 11.43 -22.65 6.90
O3B GTP D . 9.60 -24.32 7.36
PB GTP D . 8.20 -23.74 6.73
O1B GTP D . 7.27 -23.55 7.89
O2B GTP D . 8.48 -22.56 5.95
O3A GTP D . 7.85 -24.95 5.86
PA GTP D . 7.77 -25.14 4.25
O1A GTP D . 7.04 -24.07 3.59
O2A GTP D . 9.24 -25.35 3.85
O5' GTP D . 6.89 -26.53 4.12
C5' GTP D . 7.59 -27.66 4.77
C4' GTP D . 6.73 -28.87 4.17
O4' GTP D . 5.30 -28.78 4.39
C3' GTP D . 6.89 -29.13 2.74
O3' GTP D . 7.09 -30.50 2.46
C2' GTP D . 5.67 -28.53 2.01
O2' GTP D . 5.44 -29.07 0.83
C1' GTP D . 4.56 -28.97 3.18
N9 GTP D . 3.38 -28.03 3.16
C8 GTP D . 3.46 -26.67 3.44
N7 GTP D . 2.14 -26.33 3.26
C5 GTP D . 1.30 -27.39 2.91
C6 GTP D . 0.03 -27.38 2.68
O6 GTP D . -0.93 -26.57 2.67
N1 GTP D . -0.46 -28.78 2.33
C2 GTP D . 0.45 -29.73 2.30
N2 GTP D . -0.07 -31.10 1.94
N3 GTP D . 1.78 -29.74 2.54
C4 GTP D . 2.13 -28.45 2.85
MG MG E . 2.44 10.39 -10.37
PG GTP F . 3.15 7.66 -8.52
O1G GTP F . 2.91 8.07 -7.08
O2G GTP F . 4.16 6.54 -8.72
O3G GTP F . 3.47 8.85 -9.29
O3B GTP F . 1.66 7.12 -9.04
PB GTP F . 0.42 7.89 -9.85
O1B GTP F . -0.63 8.33 -8.84
O2B GTP F . 1.03 8.94 -10.68
O3A GTP F . -0.12 6.73 -10.72
PA GTP F . -0.09 6.54 -12.29
O1A GTP F . -0.89 7.55 -12.98
O2A GTP F . 1.41 6.45 -12.59
O5' GTP F . -0.88 5.12 -12.51
C5' GTP F . -0.21 3.95 -11.91
C4' GTP F . -1.29 2.86 -12.42
O4' GTP F . -2.68 3.09 -12.05
C3' GTP F . -1.34 2.52 -13.87
O3' GTP F . -1.19 1.13 -14.13
C2' GTP F . -2.64 3.13 -14.48
O2' GTP F . -3.11 2.53 -15.55
C1' GTP F . -3.56 2.85 -13.14
N9 GTP F . -4.72 3.78 -13.17
C8 GTP F . -4.68 5.14 -12.88
N7 GTP F . -6.00 5.42 -13.09
C5 GTP F . -6.79 4.33 -13.47
C6 GTP F . -8.03 4.30 -13.73
O6 GTP F . -9.03 5.07 -13.78
N1 GTP F . -8.47 2.88 -14.11
C2 GTP F . -7.53 1.97 -14.11
N2 GTP F . -7.99 0.58 -14.48
N3 GTP F . -6.22 2.02 -13.84
C4 GTP F . -5.94 3.32 -13.52
#